data_3KYG
#
_entry.id   3KYG
#
_cell.length_a   63.166
_cell.length_b   67.233
_cell.length_c   128.604
_cell.angle_alpha   90.00
_cell.angle_beta   90.00
_cell.angle_gamma   90.00
#
_symmetry.space_group_name_H-M   'P 21 21 21'
#
loop_
_entity.id
_entity.type
_entity.pdbx_description
1 polymer 'Putative uncharacterized protein VCA0042'
2 non-polymer "GUANOSINE-5'-MONOPHOSPHATE"
3 water water
#
_entity_poly.entity_id   1
_entity_poly.type   'polypeptide(L)'
_entity_poly.pdbx_seq_one_letter_code
;SKTVSTINSTDALAMVEHSSELTLSITTPVGTKFVCRTPFIGTHTDKFLLVEMPKISADDLQYFFQEGFWMNIRAISPRG
EGALIHFRSQLMHILQEPVPMAFLSIPNTMQVSQRRKEPRFELNLAGKVLFDEHRGDCELRDLSRSGCRFITPPLGKTYQ
VGDLVALEIFSDLRGTKTFPPLTGKICNLQRSLHHARYGLEFNEEGRNNAKNLLAQLKFNGTKLTLN
;
_entity_poly.pdbx_strand_id   A,B
#
loop_
_chem_comp.id
_chem_comp.type
_chem_comp.name
_chem_comp.formula
5GP non-polymer GUANOSINE-5'-MONOPHOSPHATE 'C10 H14 N5 O8 P'
#
# COMPACT_ATOMS: atom_id res chain seq x y z
N SER A 1 3.77 2.36 22.64
CA SER A 1 3.54 2.92 21.28
C SER A 1 3.20 1.76 20.35
N LYS A 2 4.03 0.73 20.34
CA LYS A 2 3.76 -0.43 19.48
C LYS A 2 3.09 -1.56 20.23
N THR A 3 2.07 -2.14 19.61
CA THR A 3 1.38 -3.27 20.21
C THR A 3 1.79 -4.53 19.45
N VAL A 4 2.12 -5.59 20.16
CA VAL A 4 2.50 -6.83 19.50
C VAL A 4 1.43 -7.89 19.73
N SER A 5 1.08 -8.62 18.69
CA SER A 5 0.06 -9.65 18.82
C SER A 5 0.30 -10.79 17.84
N THR A 6 -0.45 -11.86 18.01
CA THR A 6 -0.38 -13.04 17.17
C THR A 6 -1.42 -12.97 16.07
N ILE A 7 -0.96 -13.04 14.82
CA ILE A 7 -1.82 -12.96 13.66
C ILE A 7 -1.64 -14.18 12.76
N ASN A 8 -2.70 -14.60 12.07
CA ASN A 8 -2.57 -15.73 11.14
C ASN A 8 -1.60 -15.25 10.05
N SER A 9 -0.73 -16.15 9.60
CA SER A 9 0.29 -15.84 8.60
C SER A 9 -0.18 -15.19 7.29
N THR A 10 -1.39 -15.53 6.83
CA THR A 10 -1.91 -14.95 5.61
C THR A 10 -2.05 -13.44 5.76
N ASP A 11 -2.70 -13.01 6.84
CA ASP A 11 -2.89 -11.59 7.12
C ASP A 11 -1.57 -10.93 7.46
N ALA A 12 -0.69 -11.68 8.11
CA ALA A 12 0.60 -11.13 8.46
C ALA A 12 1.37 -10.84 7.17
N LEU A 13 1.47 -11.84 6.30
CA LEU A 13 2.24 -11.68 5.06
C LEU A 13 1.62 -10.70 4.05
N ALA A 14 0.31 -10.45 4.15
CA ALA A 14 -0.34 -9.51 3.24
C ALA A 14 0.14 -8.10 3.55
N MET A 15 0.74 -7.89 4.72
CA MET A 15 1.27 -6.56 5.10
C MET A 15 2.66 -6.35 4.55
N VAL A 16 3.27 -7.43 4.06
CA VAL A 16 4.63 -7.33 3.57
C VAL A 16 4.67 -7.17 2.07
N GLU A 17 5.42 -6.19 1.60
CA GLU A 17 5.53 -5.96 0.16
C GLU A 17 6.47 -6.99 -0.46
N HIS A 18 6.08 -7.58 -1.59
CA HIS A 18 6.97 -8.51 -2.24
C HIS A 18 8.26 -7.73 -2.56
N SER A 19 9.38 -8.44 -2.62
CA SER A 19 10.68 -7.84 -2.91
C SER A 19 11.36 -7.13 -1.74
N SER A 20 10.65 -6.95 -0.62
CA SER A 20 11.24 -6.31 0.56
C SER A 20 12.24 -7.27 1.22
N GLU A 21 13.12 -6.71 2.04
CA GLU A 21 14.16 -7.50 2.68
C GLU A 21 13.76 -8.28 3.91
N LEU A 22 14.19 -9.53 3.96
CA LEU A 22 13.90 -10.35 5.13
C LEU A 22 15.22 -10.55 5.86
N THR A 23 15.17 -10.57 7.19
CA THR A 23 16.37 -10.79 7.98
C THR A 23 16.20 -12.18 8.57
N LEU A 24 17.11 -13.08 8.25
CA LEU A 24 17.06 -14.45 8.75
C LEU A 24 18.10 -14.64 9.85
N SER A 25 17.65 -15.07 11.04
CA SER A 25 18.54 -15.27 12.19
C SER A 25 18.58 -16.74 12.48
N ILE A 26 19.77 -17.29 12.38
CA ILE A 26 19.96 -18.73 12.54
C ILE A 26 20.84 -19.10 13.72
N THR A 27 20.47 -20.18 14.40
CA THR A 27 21.24 -20.71 15.50
C THR A 27 21.40 -22.20 15.20
N THR A 28 22.64 -22.64 15.01
CA THR A 28 22.90 -24.05 14.72
C THR A 28 22.83 -24.91 15.99
N PRO A 29 22.78 -26.25 15.84
CA PRO A 29 22.69 -27.19 16.97
C PRO A 29 23.71 -26.97 18.09
N VAL A 30 24.90 -26.49 17.72
CA VAL A 30 25.94 -26.22 18.71
C VAL A 30 25.84 -24.78 19.20
N GLY A 31 24.86 -24.05 18.68
CA GLY A 31 24.64 -22.67 19.11
C GLY A 31 25.35 -21.57 18.35
N THR A 32 25.89 -21.89 17.18
CA THR A 32 26.58 -20.89 16.40
C THR A 32 25.53 -19.97 15.79
N LYS A 33 25.71 -18.66 15.96
CA LYS A 33 24.81 -17.62 15.46
C LYS A 33 25.17 -17.13 14.06
N PHE A 34 24.19 -16.97 13.20
CA PHE A 34 24.45 -16.45 11.87
C PHE A 34 23.23 -15.63 11.40
N VAL A 35 23.53 -14.52 10.74
CA VAL A 35 22.48 -13.67 10.20
C VAL A 35 22.75 -13.37 8.72
N CYS A 36 21.70 -13.41 7.91
CA CYS A 36 21.83 -13.04 6.50
C CYS A 36 20.54 -12.35 6.11
N ARG A 37 20.62 -11.56 5.05
CA ARG A 37 19.45 -10.82 4.57
C ARG A 37 19.22 -11.16 3.11
N THR A 38 17.96 -11.20 2.71
CA THR A 38 17.67 -11.52 1.32
C THR A 38 16.25 -11.09 0.99
N PRO A 39 15.98 -10.77 -0.31
CA PRO A 39 14.62 -10.36 -0.67
C PRO A 39 13.56 -11.46 -0.59
N PHE A 40 12.39 -11.05 -0.14
CA PHE A 40 11.20 -11.89 -0.05
C PHE A 40 10.71 -11.98 -1.51
N ILE A 41 10.35 -13.17 -1.97
CA ILE A 41 9.85 -13.28 -3.33
C ILE A 41 8.34 -13.28 -3.22
N GLY A 42 7.83 -14.24 -2.48
CA GLY A 42 6.39 -14.34 -2.29
C GLY A 42 6.04 -15.67 -1.67
N THR A 43 4.77 -16.04 -1.77
CA THR A 43 4.29 -17.30 -1.24
C THR A 43 3.48 -18.07 -2.26
N HIS A 44 3.60 -19.40 -2.22
CA HIS A 44 2.77 -20.22 -3.11
C HIS A 44 1.65 -20.68 -2.17
N THR A 45 0.42 -20.27 -2.46
CA THR A 45 -0.74 -20.57 -1.62
C THR A 45 -0.33 -20.44 -0.17
N ASP A 46 -0.48 -21.51 0.61
CA ASP A 46 -0.05 -21.46 2.00
C ASP A 46 1.01 -22.56 2.20
N LYS A 47 1.60 -23.01 1.09
CA LYS A 47 2.59 -24.08 1.19
C LYS A 47 4.05 -23.65 1.45
N PHE A 48 4.54 -22.62 0.77
CA PHE A 48 5.91 -22.19 1.01
C PHE A 48 6.10 -20.69 0.91
N LEU A 49 7.07 -20.22 1.67
CA LEU A 49 7.49 -18.84 1.65
C LEU A 49 8.74 -18.92 0.77
N LEU A 50 8.74 -18.20 -0.36
CA LEU A 50 9.89 -18.20 -1.25
C LEU A 50 10.78 -16.97 -1.04
N VAL A 51 12.08 -17.19 -0.96
CA VAL A 51 12.99 -16.07 -0.83
C VAL A 51 14.12 -16.20 -1.81
N GLU A 52 14.77 -15.09 -2.16
CA GLU A 52 15.89 -15.20 -3.08
C GLU A 52 16.99 -15.87 -2.25
N MET A 53 17.71 -16.82 -2.86
CA MET A 53 18.76 -17.51 -2.14
C MET A 53 19.83 -16.49 -1.80
N PRO A 54 20.17 -16.36 -0.52
CA PRO A 54 21.21 -15.37 -0.20
C PRO A 54 22.57 -15.78 -0.74
N LYS A 55 23.42 -14.79 -0.99
CA LYS A 55 24.76 -15.05 -1.48
C LYS A 55 25.64 -15.31 -0.26
N ILE A 56 25.68 -16.56 0.18
CA ILE A 56 26.49 -16.91 1.34
C ILE A 56 27.60 -17.83 0.84
N SER A 57 28.63 -18.05 1.65
CA SER A 57 29.73 -18.93 1.22
C SER A 57 29.39 -20.42 1.28
N ALA A 58 30.28 -21.23 0.73
CA ALA A 58 30.06 -22.68 0.77
C ALA A 58 30.08 -23.13 2.25
N ASP A 59 30.96 -22.56 3.07
CA ASP A 59 30.98 -22.96 4.48
C ASP A 59 29.66 -22.53 5.12
N ASP A 60 29.21 -21.30 4.82
CA ASP A 60 27.94 -20.77 5.35
C ASP A 60 26.82 -21.76 5.04
N LEU A 61 26.76 -22.19 3.79
CA LEU A 61 25.69 -23.10 3.39
C LEU A 61 25.80 -24.40 4.17
N GLN A 62 27.03 -24.90 4.27
CA GLN A 62 27.31 -26.17 4.95
C GLN A 62 26.96 -26.18 6.44
N TYR A 63 27.39 -25.15 7.16
CA TYR A 63 27.13 -25.07 8.59
C TYR A 63 25.86 -24.33 9.02
N PHE A 64 25.44 -23.33 8.24
CA PHE A 64 24.28 -22.52 8.66
C PHE A 64 23.00 -22.56 7.84
N PHE A 65 23.03 -23.12 6.63
CA PHE A 65 21.84 -23.06 5.79
C PHE A 65 21.49 -24.43 5.27
N GLN A 66 21.14 -25.34 6.18
CA GLN A 66 20.79 -26.71 5.81
C GLN A 66 19.28 -26.89 5.77
N GLU A 67 18.80 -27.67 4.82
CA GLU A 67 17.39 -28.01 4.77
C GLU A 67 17.15 -28.62 6.15
N GLY A 68 16.01 -28.30 6.76
CA GLY A 68 15.69 -28.86 8.06
C GLY A 68 15.97 -27.93 9.23
N PHE A 69 16.85 -26.95 9.02
CA PHE A 69 17.14 -26.00 10.10
C PHE A 69 15.92 -25.09 10.26
N TRP A 70 15.64 -24.74 11.52
CA TRP A 70 14.56 -23.81 11.86
C TRP A 70 15.24 -22.47 12.07
N MET A 71 14.54 -21.37 11.82
CA MET A 71 15.13 -20.06 11.98
C MET A 71 14.09 -18.98 12.24
N ASN A 72 14.58 -17.86 12.76
CA ASN A 72 13.71 -16.72 13.05
C ASN A 72 13.86 -15.73 11.93
N ILE A 73 12.72 -15.26 11.47
CA ILE A 73 12.71 -14.34 10.36
C ILE A 73 11.97 -13.07 10.68
N ARG A 74 12.55 -11.97 10.24
CA ARG A 74 11.93 -10.68 10.45
C ARG A 74 11.64 -10.03 9.10
N ALA A 75 10.43 -9.50 8.99
CA ALA A 75 9.94 -8.82 7.80
C ALA A 75 9.38 -7.46 8.22
N ILE A 76 9.40 -6.50 7.31
CA ILE A 76 8.90 -5.16 7.62
C ILE A 76 7.72 -4.81 6.72
N SER A 77 6.88 -3.92 7.19
CA SER A 77 5.73 -3.44 6.43
C SER A 77 5.85 -1.94 6.49
N PRO A 78 5.68 -1.25 5.35
CA PRO A 78 5.80 0.20 5.35
C PRO A 78 4.46 0.90 5.55
N ARG A 79 3.41 0.14 5.85
CA ARG A 79 2.09 0.73 6.04
C ARG A 79 2.01 1.65 7.26
N GLY A 80 1.42 2.82 7.07
CA GLY A 80 1.26 3.76 8.16
C GLY A 80 2.61 4.13 8.75
N GLU A 81 2.75 3.97 10.06
CA GLU A 81 4.02 4.30 10.72
C GLU A 81 4.96 3.12 10.58
N GLY A 82 4.47 2.03 9.99
CA GLY A 82 5.32 0.87 9.82
C GLY A 82 5.13 -0.18 10.91
N ALA A 83 5.31 -1.45 10.53
CA ALA A 83 5.16 -2.55 11.49
C ALA A 83 6.22 -3.62 11.27
N LEU A 84 6.45 -4.44 12.30
CA LEU A 84 7.42 -5.53 12.20
C LEU A 84 6.67 -6.84 12.31
N ILE A 85 7.06 -7.79 11.46
CA ILE A 85 6.47 -9.14 11.45
C ILE A 85 7.61 -10.09 11.82
N HIS A 86 7.43 -10.85 12.90
CA HIS A 86 8.43 -11.82 13.35
C HIS A 86 7.80 -13.22 13.36
N PHE A 87 8.52 -14.21 12.85
CA PHE A 87 7.99 -15.58 12.84
C PHE A 87 9.13 -16.58 12.76
N ARG A 88 8.80 -17.86 12.99
CA ARG A 88 9.79 -18.90 12.95
C ARG A 88 9.36 -19.86 11.85
N SER A 89 10.31 -20.26 11.04
CA SER A 89 10.03 -21.12 9.90
C SER A 89 11.18 -22.09 9.68
N GLN A 90 10.88 -23.17 8.97
CA GLN A 90 11.88 -24.18 8.67
C GLN A 90 12.26 -24.15 7.21
N LEU A 91 13.56 -24.18 6.94
CA LEU A 91 14.09 -24.20 5.59
C LEU A 91 13.74 -25.58 5.04
N MET A 92 12.92 -25.64 3.99
CA MET A 92 12.49 -26.91 3.42
C MET A 92 13.26 -27.36 2.16
N HIS A 93 13.52 -26.45 1.23
CA HIS A 93 14.25 -26.82 0.01
C HIS A 93 15.04 -25.63 -0.50
N ILE A 94 16.08 -25.96 -1.26
CA ILE A 94 16.96 -24.96 -1.89
C ILE A 94 17.02 -25.40 -3.36
N LEU A 95 16.68 -24.49 -4.26
CA LEU A 95 16.75 -24.82 -5.68
C LEU A 95 17.75 -23.89 -6.30
N GLN A 96 18.58 -24.42 -7.18
CA GLN A 96 19.54 -23.56 -7.85
C GLN A 96 18.98 -23.24 -9.24
N GLU A 97 18.10 -24.11 -9.74
CA GLU A 97 17.49 -23.97 -11.07
C GLU A 97 15.99 -23.74 -10.98
N PRO A 98 15.44 -22.87 -11.84
CA PRO A 98 16.08 -22.08 -12.90
C PRO A 98 16.72 -20.81 -12.35
N VAL A 99 16.51 -20.53 -11.07
CA VAL A 99 17.12 -19.34 -10.45
C VAL A 99 17.29 -19.72 -8.97
N PRO A 100 18.33 -19.19 -8.27
CA PRO A 100 18.52 -19.56 -6.86
C PRO A 100 17.39 -19.13 -5.90
N MET A 101 16.74 -20.12 -5.30
CA MET A 101 15.65 -19.85 -4.40
C MET A 101 15.68 -20.80 -3.21
N ALA A 102 15.18 -20.30 -2.08
CA ALA A 102 15.05 -21.10 -0.87
C ALA A 102 13.57 -21.08 -0.54
N PHE A 103 13.06 -22.24 -0.11
CA PHE A 103 11.67 -22.43 0.24
C PHE A 103 11.56 -22.67 1.73
N LEU A 104 10.82 -21.79 2.43
CA LEU A 104 10.66 -21.94 3.89
C LEU A 104 9.22 -22.29 4.24
N SER A 105 9.01 -22.95 5.36
CA SER A 105 7.64 -23.30 5.74
C SER A 105 6.90 -22.03 6.16
N ILE A 106 5.58 -22.07 6.10
CA ILE A 106 4.78 -20.95 6.54
C ILE A 106 4.12 -21.42 7.82
N PRO A 107 4.45 -20.81 8.97
CA PRO A 107 3.84 -21.22 10.24
C PRO A 107 2.40 -20.74 10.26
N ASN A 108 1.60 -21.28 11.17
CA ASN A 108 0.21 -20.89 11.27
C ASN A 108 0.01 -19.44 11.68
N THR A 109 0.90 -18.93 12.52
CA THR A 109 0.76 -17.55 13.00
C THR A 109 2.11 -16.84 13.03
N MET A 110 2.07 -15.52 13.18
CA MET A 110 3.27 -14.71 13.26
C MET A 110 3.02 -13.60 14.27
N GLN A 111 4.10 -13.04 14.80
CA GLN A 111 3.99 -11.96 15.76
C GLN A 111 4.16 -10.64 15.01
N VAL A 112 3.17 -9.76 15.18
CA VAL A 112 3.19 -8.47 14.52
C VAL A 112 3.26 -7.34 15.54
N SER A 113 4.17 -6.40 15.32
CA SER A 113 4.25 -5.24 16.21
C SER A 113 3.80 -4.12 15.29
N GLN A 114 2.71 -3.44 15.68
CA GLN A 114 2.14 -2.35 14.90
C GLN A 114 1.61 -1.24 15.82
N ARG A 115 1.32 -0.06 15.25
CA ARG A 115 0.83 1.05 16.09
C ARG A 115 -0.61 0.87 16.55
N ARG A 116 -1.45 0.21 15.74
CA ARG A 116 -2.85 0.00 16.13
C ARG A 116 -2.88 -1.01 17.26
N LYS A 117 -3.53 -0.66 18.36
CA LYS A 117 -3.60 -1.53 19.52
C LYS A 117 -4.62 -2.66 19.42
N GLU A 118 -5.51 -2.57 18.44
CA GLU A 118 -6.56 -3.56 18.28
C GLU A 118 -7.04 -3.56 16.82
N PRO A 119 -7.76 -4.61 16.39
CA PRO A 119 -8.22 -4.63 15.00
C PRO A 119 -9.43 -3.75 14.71
N ARG A 120 -9.59 -3.41 13.45
CA ARG A 120 -10.71 -2.58 13.02
C ARG A 120 -11.46 -3.45 12.04
N PHE A 121 -12.77 -3.53 12.21
CA PHE A 121 -13.60 -4.35 11.35
C PHE A 121 -14.30 -3.57 10.25
N GLU A 122 -14.11 -4.02 9.02
CA GLU A 122 -14.71 -3.39 7.84
C GLU A 122 -16.22 -3.60 7.81
N LEU A 123 -16.92 -2.64 7.22
CA LEU A 123 -18.38 -2.71 7.07
C LEU A 123 -18.85 -1.47 6.32
N ASN A 124 -20.12 -1.46 5.95
CA ASN A 124 -20.71 -0.35 5.21
C ASN A 124 -22.06 -0.03 5.77
N LEU A 125 -22.11 0.75 6.84
CA LEU A 125 -23.40 1.07 7.43
C LEU A 125 -23.78 2.55 7.35
N ALA A 126 -24.86 2.81 6.64
CA ALA A 126 -25.35 4.16 6.47
C ALA A 126 -25.83 4.71 7.79
N GLY A 127 -25.76 6.03 7.93
CA GLY A 127 -26.18 6.67 9.16
C GLY A 127 -26.12 8.17 9.02
N LYS A 128 -26.20 8.87 10.14
CA LYS A 128 -26.12 10.33 10.14
C LYS A 128 -25.02 10.74 11.10
N VAL A 129 -24.38 11.87 10.80
CA VAL A 129 -23.36 12.41 11.69
C VAL A 129 -23.92 13.70 12.28
N LEU A 130 -24.05 13.71 13.61
CA LEU A 130 -24.59 14.85 14.34
C LEU A 130 -23.43 15.71 14.81
N PHE A 131 -23.53 17.00 14.53
CA PHE A 131 -22.49 17.94 14.94
C PHE A 131 -23.11 19.32 15.04
N ASP A 132 -22.94 19.97 16.18
CA ASP A 132 -23.46 21.31 16.38
C ASP A 132 -24.95 21.44 16.08
N GLU A 133 -25.73 20.42 16.44
CA GLU A 133 -27.17 20.42 16.23
C GLU A 133 -27.62 20.14 14.79
N HIS A 134 -26.67 19.85 13.91
CA HIS A 134 -27.00 19.56 12.53
C HIS A 134 -26.58 18.15 12.09
N ARG A 135 -27.41 17.53 11.24
CA ARG A 135 -27.13 16.19 10.76
C ARG A 135 -26.74 16.12 9.30
N GLY A 136 -25.77 15.27 9.01
CA GLY A 136 -25.32 15.06 7.65
C GLY A 136 -25.28 13.58 7.39
N ASP A 137 -25.14 13.19 6.14
CA ASP A 137 -25.07 11.77 5.85
C ASP A 137 -23.66 11.27 6.03
N CYS A 138 -23.56 10.00 6.39
CA CYS A 138 -22.25 9.38 6.52
C CYS A 138 -22.45 7.90 6.29
N GLU A 139 -21.34 7.19 6.11
CA GLU A 139 -21.39 5.76 5.97
C GLU A 139 -20.21 5.25 6.78
N LEU A 140 -20.50 4.42 7.78
CA LEU A 140 -19.48 3.84 8.64
C LEU A 140 -18.70 2.86 7.77
N ARG A 141 -17.38 2.90 7.83
CA ARG A 141 -16.55 2.01 7.01
C ARG A 141 -15.74 0.98 7.77
N ASP A 142 -15.32 1.31 8.99
CA ASP A 142 -14.68 0.31 9.82
C ASP A 142 -14.98 0.66 11.27
N LEU A 143 -14.93 -0.35 12.12
CA LEU A 143 -15.28 -0.15 13.51
C LEU A 143 -14.40 -0.97 14.44
N SER A 144 -13.91 -0.33 15.49
CA SER A 144 -13.08 -1.05 16.44
C SER A 144 -13.72 -0.79 17.79
N ARG A 145 -13.18 -1.38 18.85
CA ARG A 145 -13.75 -1.11 20.16
C ARG A 145 -13.50 0.33 20.61
N SER A 146 -12.47 0.98 20.06
CA SER A 146 -12.15 2.34 20.48
C SER A 146 -12.40 3.45 19.48
N GLY A 147 -12.75 3.08 18.25
CA GLY A 147 -13.00 4.12 17.28
C GLY A 147 -13.63 3.58 16.03
N CYS A 148 -13.70 4.40 14.99
CA CYS A 148 -14.27 3.99 13.72
C CYS A 148 -13.81 4.91 12.58
N ARG A 149 -14.11 4.49 11.36
CA ARG A 149 -13.79 5.27 10.17
C ARG A 149 -15.11 5.51 9.47
N PHE A 150 -15.35 6.75 9.05
CA PHE A 150 -16.58 7.05 8.33
C PHE A 150 -16.31 8.05 7.21
N ILE A 151 -17.16 8.00 6.19
CA ILE A 151 -17.05 8.89 5.03
C ILE A 151 -18.37 9.62 4.88
N THR A 152 -18.32 10.77 4.20
CA THR A 152 -19.49 11.63 3.99
C THR A 152 -19.51 12.10 2.54
N PRO A 153 -20.63 12.68 2.09
CA PRO A 153 -20.62 13.14 0.69
C PRO A 153 -19.58 14.25 0.72
N PRO A 154 -18.65 14.28 -0.25
CA PRO A 154 -17.64 15.36 -0.19
C PRO A 154 -18.12 16.81 -0.18
N LEU A 155 -19.34 17.07 -0.63
CA LEU A 155 -19.83 18.44 -0.66
C LEU A 155 -20.62 18.81 0.58
N GLY A 156 -20.83 17.86 1.48
CA GLY A 156 -21.58 18.17 2.68
C GLY A 156 -20.74 18.90 3.71
N LYS A 157 -21.27 19.02 4.92
CA LYS A 157 -20.58 19.68 6.03
C LYS A 157 -19.27 18.95 6.27
N THR A 158 -18.20 19.69 6.56
CA THR A 158 -16.92 19.05 6.81
C THR A 158 -16.59 19.21 8.29
N TYR A 159 -15.71 18.35 8.80
CA TYR A 159 -15.33 18.43 10.20
C TYR A 159 -13.82 18.64 10.33
N GLN A 160 -13.42 19.14 11.50
CA GLN A 160 -12.02 19.45 11.77
C GLN A 160 -11.48 18.54 12.87
N VAL A 161 -10.17 18.36 12.89
CA VAL A 161 -9.56 17.52 13.90
C VAL A 161 -9.98 18.07 15.25
N GLY A 162 -10.41 17.18 16.14
CA GLY A 162 -10.82 17.64 17.44
C GLY A 162 -12.32 17.85 17.61
N ASP A 163 -13.06 18.06 16.52
CA ASP A 163 -14.51 18.24 16.64
C ASP A 163 -15.16 17.03 17.30
N LEU A 164 -16.16 17.28 18.15
CA LEU A 164 -16.89 16.19 18.82
C LEU A 164 -18.16 15.90 18.01
N VAL A 165 -18.28 14.70 17.47
CA VAL A 165 -19.46 14.37 16.70
C VAL A 165 -20.12 13.11 17.26
N ALA A 166 -21.31 12.81 16.78
CA ALA A 166 -22.01 11.62 17.21
C ALA A 166 -22.54 10.96 15.96
N LEU A 167 -22.22 9.69 15.76
CA LEU A 167 -22.71 8.99 14.60
C LEU A 167 -23.94 8.17 15.00
N GLU A 168 -25.06 8.42 14.31
CA GLU A 168 -26.31 7.71 14.53
C GLU A 168 -26.41 6.79 13.32
N ILE A 169 -26.10 5.51 13.54
CA ILE A 169 -26.10 4.52 12.49
C ILE A 169 -27.41 3.73 12.41
N PHE A 170 -28.02 3.73 11.22
CA PHE A 170 -29.28 3.04 11.00
C PHE A 170 -29.23 1.56 11.39
N SER A 171 -30.14 1.17 12.27
CA SER A 171 -30.22 -0.21 12.74
C SER A 171 -30.97 -1.09 11.75
N ASP A 172 -31.88 -0.48 10.99
CA ASP A 172 -32.66 -1.21 10.00
C ASP A 172 -32.38 -0.67 8.60
N LEU A 173 -32.70 -1.47 7.58
CA LEU A 173 -32.50 -1.07 6.20
C LEU A 173 -33.55 -0.08 5.70
N ARG A 174 -34.35 0.46 6.61
CA ARG A 174 -35.40 1.40 6.24
C ARG A 174 -35.05 2.81 6.70
N GLY A 175 -33.84 2.98 7.23
CA GLY A 175 -33.45 4.28 7.75
C GLY A 175 -34.09 4.36 9.12
N THR A 176 -35.12 5.20 9.23
CA THR A 176 -35.87 5.37 10.47
C THR A 176 -35.12 5.27 11.80
N LYS A 177 -34.89 4.07 12.29
CA LYS A 177 -34.21 3.89 13.59
C LYS A 177 -32.69 3.79 13.54
N THR A 178 -32.06 4.15 14.65
CA THR A 178 -30.62 4.14 14.76
C THR A 178 -30.11 3.55 16.06
N PHE A 179 -28.98 2.86 15.97
CA PHE A 179 -28.32 2.25 17.14
C PHE A 179 -27.92 3.38 18.07
N PRO A 180 -27.75 3.09 19.38
CA PRO A 180 -27.34 4.12 20.34
C PRO A 180 -26.09 4.75 19.70
N PRO A 181 -26.01 6.09 19.66
CA PRO A 181 -24.92 6.88 19.08
C PRO A 181 -23.47 6.57 19.41
N LEU A 182 -22.61 6.73 18.41
CA LEU A 182 -21.18 6.51 18.57
C LEU A 182 -20.59 7.89 18.71
N THR A 183 -20.27 8.27 19.93
CA THR A 183 -19.74 9.59 20.20
C THR A 183 -18.22 9.59 20.35
N GLY A 184 -17.58 10.64 19.86
CA GLY A 184 -16.13 10.75 19.95
C GLY A 184 -15.60 11.98 19.25
N LYS A 185 -14.27 12.11 19.20
CA LYS A 185 -13.64 13.25 18.56
C LYS A 185 -12.94 12.89 17.26
N ILE A 186 -12.96 13.80 16.30
CA ILE A 186 -12.26 13.56 15.04
C ILE A 186 -10.77 13.47 15.33
N CYS A 187 -10.15 12.34 15.04
CA CYS A 187 -8.72 12.15 15.25
C CYS A 187 -7.93 12.46 13.97
N ASN A 188 -8.47 12.05 12.83
CA ASN A 188 -7.81 12.32 11.56
C ASN A 188 -8.81 12.46 10.44
N LEU A 189 -8.39 13.05 9.33
CA LEU A 189 -9.29 13.26 8.22
C LEU A 189 -8.48 13.32 6.93
N GLN A 190 -9.12 12.92 5.83
CA GLN A 190 -8.50 12.99 4.51
C GLN A 190 -9.62 13.51 3.62
N ARG A 191 -9.40 14.66 2.98
CA ARG A 191 -10.44 15.24 2.14
C ARG A 191 -9.99 15.87 0.84
N SER A 192 -10.91 15.88 -0.12
CA SER A 192 -10.67 16.51 -1.42
C SER A 192 -12.07 16.84 -1.88
N LEU A 193 -12.21 17.29 -3.11
CA LEU A 193 -13.55 17.59 -3.60
C LEU A 193 -14.27 16.28 -3.92
N HIS A 194 -13.51 15.20 -4.05
CA HIS A 194 -14.07 13.88 -4.39
C HIS A 194 -14.33 12.97 -3.20
N HIS A 195 -13.59 13.15 -2.11
CA HIS A 195 -13.76 12.28 -0.95
C HIS A 195 -13.65 13.06 0.35
N ALA A 196 -14.22 12.49 1.40
CA ALA A 196 -14.19 13.06 2.74
C ALA A 196 -14.24 11.89 3.69
N ARG A 197 -13.08 11.55 4.27
CA ARG A 197 -13.00 10.42 5.17
C ARG A 197 -12.52 10.87 6.53
N TYR A 198 -13.01 10.22 7.58
CA TYR A 198 -12.63 10.63 8.92
C TYR A 198 -12.35 9.46 9.84
N GLY A 199 -11.34 9.62 10.72
CA GLY A 199 -11.00 8.61 11.70
C GLY A 199 -11.46 9.23 13.03
N LEU A 200 -12.28 8.49 13.78
CA LEU A 200 -12.84 8.99 15.04
C LEU A 200 -12.39 8.18 16.25
N GLU A 201 -12.14 8.86 17.37
CA GLU A 201 -11.76 8.14 18.59
C GLU A 201 -12.90 8.30 19.59
N PHE A 202 -13.54 7.21 19.98
CA PHE A 202 -14.68 7.29 20.90
C PHE A 202 -14.34 7.78 22.30
N ASN A 203 -15.36 8.26 23.01
CA ASN A 203 -15.19 8.65 24.40
C ASN A 203 -15.80 7.46 25.14
N GLU A 204 -15.90 7.51 26.46
CA GLU A 204 -16.42 6.36 27.20
C GLU A 204 -17.75 5.84 26.69
N GLU A 205 -18.72 6.74 26.59
CA GLU A 205 -20.06 6.37 26.12
C GLU A 205 -19.99 5.79 24.71
N GLY A 206 -19.18 6.40 23.84
CA GLY A 206 -19.04 5.88 22.49
C GLY A 206 -18.53 4.44 22.48
N ARG A 207 -17.58 4.15 23.36
CA ARG A 207 -17.04 2.80 23.45
C ARG A 207 -18.17 1.86 23.86
N ASN A 208 -18.97 2.30 24.82
CA ASN A 208 -20.11 1.48 25.27
C ASN A 208 -21.03 1.16 24.10
N ASN A 209 -21.39 2.18 23.34
CA ASN A 209 -22.28 1.95 22.22
C ASN A 209 -21.66 1.19 21.07
N ALA A 210 -20.34 1.31 20.93
CA ALA A 210 -19.64 0.58 19.88
C ALA A 210 -19.77 -0.92 20.18
N LYS A 211 -19.48 -1.28 21.43
CA LYS A 211 -19.55 -2.68 21.87
C LYS A 211 -20.98 -3.19 21.63
N ASN A 212 -21.96 -2.36 21.99
CA ASN A 212 -23.35 -2.72 21.77
C ASN A 212 -23.65 -2.92 20.30
N LEU A 213 -23.22 -1.98 19.46
CA LEU A 213 -23.48 -2.07 18.03
C LEU A 213 -22.79 -3.33 17.48
N LEU A 214 -21.50 -3.45 17.72
CA LEU A 214 -20.73 -4.60 17.27
C LEU A 214 -21.44 -5.92 17.58
N ALA A 215 -21.97 -6.04 18.80
CA ALA A 215 -22.65 -7.25 19.23
C ALA A 215 -23.91 -7.54 18.43
N GLN A 216 -24.56 -6.51 17.91
CA GLN A 216 -25.78 -6.69 17.15
C GLN A 216 -25.53 -6.95 15.68
N LEU A 217 -24.27 -7.09 15.30
CA LEU A 217 -23.94 -7.31 13.91
C LEU A 217 -23.58 -8.78 13.66
N LYS A 218 -23.88 -9.25 12.45
CA LYS A 218 -23.56 -10.62 12.09
C LYS A 218 -22.40 -10.54 11.10
N PHE A 219 -21.47 -11.47 11.22
CA PHE A 219 -20.31 -11.50 10.34
C PHE A 219 -20.72 -12.23 9.07
N ASN A 220 -20.10 -11.89 7.95
CA ASN A 220 -20.40 -12.57 6.69
C ASN A 220 -19.09 -12.99 6.05
N GLY A 221 -18.16 -13.42 6.89
CA GLY A 221 -16.87 -13.87 6.42
C GLY A 221 -15.81 -12.78 6.32
N THR A 222 -16.06 -11.77 5.51
CA THR A 222 -15.10 -10.69 5.33
C THR A 222 -15.47 -9.37 6.01
N LYS A 223 -16.77 -9.07 6.05
CA LYS A 223 -17.24 -7.83 6.67
C LYS A 223 -18.34 -8.10 7.67
N LEU A 224 -18.74 -7.07 8.40
CA LEU A 224 -19.83 -7.19 9.35
C LEU A 224 -21.02 -6.67 8.55
N THR A 225 -22.23 -7.09 8.91
CA THR A 225 -23.41 -6.65 8.21
C THR A 225 -24.58 -6.54 9.18
N LEU A 226 -25.62 -5.82 8.78
CA LEU A 226 -26.78 -5.66 9.62
C LEU A 226 -27.38 -7.04 9.85
N ASN A 227 -28.28 -7.15 10.82
CA ASN A 227 -28.85 -8.44 11.12
C ASN A 227 -30.17 -8.36 11.87
N SER B 1 -9.95 9.74 -18.41
CA SER B 1 -9.92 9.65 -16.92
C SER B 1 -8.68 8.81 -16.56
N LYS B 2 -8.48 7.71 -17.28
CA LYS B 2 -7.30 6.86 -17.03
C LYS B 2 -6.23 7.18 -18.05
N THR B 3 -5.01 7.42 -17.58
CA THR B 3 -3.90 7.72 -18.47
C THR B 3 -2.99 6.49 -18.63
N VAL B 4 -2.51 6.23 -19.84
CA VAL B 4 -1.64 5.09 -20.06
C VAL B 4 -0.24 5.56 -20.35
N SER B 5 0.72 4.89 -19.72
CA SER B 5 2.10 5.24 -19.97
C SER B 5 2.91 3.96 -19.89
N THR B 6 4.15 4.02 -20.33
CA THR B 6 5.04 2.88 -20.33
C THR B 6 6.03 3.08 -19.20
N ILE B 7 6.07 2.12 -18.29
CA ILE B 7 6.92 2.18 -17.10
C ILE B 7 7.93 1.03 -17.02
N ASN B 8 9.07 1.25 -16.34
CA ASN B 8 10.05 0.18 -16.21
C ASN B 8 9.34 -0.89 -15.37
N SER B 9 9.62 -2.17 -15.61
CA SER B 9 8.95 -3.26 -14.90
C SER B 9 9.12 -3.32 -13.38
N THR B 10 10.29 -2.92 -12.89
CA THR B 10 10.48 -2.93 -11.44
C THR B 10 9.41 -2.04 -10.81
N ASP B 11 9.22 -0.83 -11.34
CA ASP B 11 8.22 0.08 -10.78
C ASP B 11 6.80 -0.36 -11.02
N ALA B 12 6.53 -0.90 -12.20
CA ALA B 12 5.17 -1.35 -12.46
C ALA B 12 4.79 -2.46 -11.47
N LEU B 13 5.63 -3.48 -11.35
CA LEU B 13 5.32 -4.61 -10.48
C LEU B 13 5.25 -4.26 -9.00
N ALA B 14 5.94 -3.20 -8.60
CA ALA B 14 5.92 -2.75 -7.21
C ALA B 14 4.49 -2.32 -6.88
N MET B 15 3.72 -2.02 -7.92
CA MET B 15 2.34 -1.58 -7.70
C MET B 15 1.39 -2.76 -7.50
N VAL B 16 1.86 -3.96 -7.82
CA VAL B 16 1.01 -5.12 -7.69
C VAL B 16 1.28 -5.85 -6.40
N GLU B 17 0.22 -6.20 -5.70
CA GLU B 17 0.30 -6.95 -4.44
C GLU B 17 0.58 -8.43 -4.67
N HIS B 18 1.56 -8.98 -3.96
CA HIS B 18 1.83 -10.40 -4.10
C HIS B 18 0.53 -11.15 -3.80
N SER B 19 0.35 -12.30 -4.43
CA SER B 19 -0.84 -13.14 -4.26
C SER B 19 -2.05 -12.63 -5.00
N SER B 20 -1.96 -11.49 -5.66
CA SER B 20 -3.13 -11.00 -6.40
C SER B 20 -3.32 -11.84 -7.68
N GLU B 21 -4.47 -11.68 -8.31
CA GLU B 21 -4.78 -12.44 -9.52
C GLU B 21 -4.28 -11.83 -10.81
N LEU B 22 -3.70 -12.67 -11.65
CA LEU B 22 -3.21 -12.27 -12.96
C LEU B 22 -4.13 -12.89 -14.00
N THR B 23 -4.32 -12.19 -15.10
CA THR B 23 -5.14 -12.72 -16.16
C THR B 23 -4.20 -12.94 -17.33
N LEU B 24 -4.09 -14.19 -17.74
CA LEU B 24 -3.20 -14.60 -18.81
C LEU B 24 -3.99 -14.90 -20.11
N SER B 25 -3.62 -14.19 -21.18
CA SER B 25 -4.26 -14.37 -22.48
C SER B 25 -3.24 -14.94 -23.45
N ILE B 26 -3.58 -16.08 -24.02
CA ILE B 26 -2.70 -16.76 -24.96
C ILE B 26 -3.38 -17.01 -26.30
N THR B 27 -2.66 -16.71 -27.38
CA THR B 27 -3.16 -16.96 -28.73
C THR B 27 -2.14 -17.85 -29.46
N THR B 28 -2.59 -18.99 -29.97
CA THR B 28 -1.71 -19.91 -30.67
C THR B 28 -1.48 -19.49 -32.12
N PRO B 29 -0.45 -20.03 -32.78
CA PRO B 29 -0.23 -19.62 -34.17
C PRO B 29 -1.44 -19.77 -35.10
N VAL B 30 -2.33 -20.72 -34.82
CA VAL B 30 -3.50 -20.89 -35.66
C VAL B 30 -4.66 -20.03 -35.21
N GLY B 31 -4.41 -19.12 -34.26
CA GLY B 31 -5.46 -18.21 -33.82
C GLY B 31 -6.40 -18.65 -32.71
N THR B 32 -6.12 -19.78 -32.07
CA THR B 32 -6.98 -20.23 -30.98
C THR B 32 -6.60 -19.37 -29.77
N LYS B 33 -7.58 -18.79 -29.10
CA LYS B 33 -7.27 -17.94 -27.96
C LYS B 33 -7.74 -18.55 -26.65
N PHE B 34 -6.90 -18.47 -25.62
CA PHE B 34 -7.26 -19.01 -24.31
C PHE B 34 -6.97 -17.99 -23.23
N VAL B 35 -7.86 -17.89 -22.27
CA VAL B 35 -7.66 -16.96 -21.17
C VAL B 35 -7.83 -17.71 -19.85
N CYS B 36 -6.92 -17.49 -18.93
CA CYS B 36 -7.02 -18.12 -17.61
C CYS B 36 -6.53 -17.14 -16.57
N ARG B 37 -6.77 -17.44 -15.30
CA ARG B 37 -6.34 -16.55 -14.24
C ARG B 37 -5.61 -17.37 -13.20
N THR B 38 -4.63 -16.75 -12.55
CA THR B 38 -3.84 -17.44 -11.56
C THR B 38 -3.18 -16.42 -10.65
N PRO B 39 -2.81 -16.83 -9.43
CA PRO B 39 -2.18 -15.89 -8.50
C PRO B 39 -0.71 -15.62 -8.80
N PHE B 40 -0.37 -14.36 -8.65
CA PHE B 40 0.99 -13.85 -8.81
C PHE B 40 1.70 -14.27 -7.54
N ILE B 41 2.89 -14.87 -7.62
CA ILE B 41 3.61 -15.21 -6.40
C ILE B 41 4.57 -14.06 -6.08
N GLY B 42 5.42 -13.72 -7.05
CA GLY B 42 6.39 -12.66 -6.89
C GLY B 42 7.41 -12.75 -8.01
N THR B 43 8.54 -12.07 -7.85
CA THR B 43 9.62 -12.07 -8.84
C THR B 43 10.98 -12.32 -8.18
N HIS B 44 11.88 -12.98 -8.90
CA HIS B 44 13.24 -13.15 -8.37
C HIS B 44 14.01 -12.06 -9.09
N THR B 45 14.54 -11.09 -8.33
CA THR B 45 15.27 -9.96 -8.89
C THR B 45 14.58 -9.51 -10.18
N ASP B 46 15.27 -9.55 -11.31
CA ASP B 46 14.63 -9.14 -12.55
C ASP B 46 14.71 -10.29 -13.55
N LYS B 47 14.96 -11.48 -13.00
CA LYS B 47 15.10 -12.68 -13.82
C LYS B 47 13.82 -13.39 -14.18
N PHE B 48 12.92 -13.60 -13.22
CA PHE B 48 11.66 -14.29 -13.53
C PHE B 48 10.49 -13.77 -12.71
N LEU B 49 9.32 -13.84 -13.32
CA LEU B 49 8.07 -13.50 -12.68
C LEU B 49 7.47 -14.88 -12.35
N LEU B 50 7.18 -15.15 -11.07
CA LEU B 50 6.62 -16.45 -10.70
C LEU B 50 5.11 -16.44 -10.46
N VAL B 51 4.41 -17.42 -11.01
CA VAL B 51 2.97 -17.52 -10.76
C VAL B 51 2.63 -18.94 -10.38
N GLU B 52 1.51 -19.11 -9.69
CA GLU B 52 1.09 -20.44 -9.32
C GLU B 52 0.59 -21.04 -10.64
N MET B 53 0.82 -22.33 -10.84
CA MET B 53 0.35 -23.01 -12.06
C MET B 53 -1.15 -22.86 -12.12
N PRO B 54 -1.69 -22.42 -13.26
CA PRO B 54 -3.14 -22.28 -13.31
C PRO B 54 -3.76 -23.68 -13.35
N LYS B 55 -4.94 -23.81 -12.75
CA LYS B 55 -5.64 -25.08 -12.67
C LYS B 55 -6.34 -25.32 -14.01
N ILE B 56 -5.65 -26.01 -14.92
CA ILE B 56 -6.19 -26.27 -16.24
C ILE B 56 -5.89 -27.70 -16.74
N SER B 57 -6.66 -28.15 -17.73
CA SER B 57 -6.53 -29.51 -18.27
C SER B 57 -5.22 -29.82 -18.96
N ALA B 58 -4.95 -31.11 -19.11
CA ALA B 58 -3.75 -31.55 -19.78
C ALA B 58 -3.87 -31.00 -21.19
N ASP B 59 -5.09 -31.04 -21.69
CA ASP B 59 -5.44 -30.55 -23.02
C ASP B 59 -4.97 -29.10 -23.15
N ASP B 60 -5.46 -28.25 -22.24
CA ASP B 60 -5.15 -26.83 -22.24
C ASP B 60 -3.69 -26.52 -21.94
N LEU B 61 -3.06 -27.34 -21.10
CA LEU B 61 -1.65 -27.08 -20.80
C LEU B 61 -0.84 -27.41 -22.03
N GLN B 62 -1.26 -28.45 -22.73
CA GLN B 62 -0.57 -28.91 -23.93
C GLN B 62 -0.68 -27.89 -25.06
N TYR B 63 -1.88 -27.35 -25.29
CA TYR B 63 -2.04 -26.40 -26.37
C TYR B 63 -1.79 -24.94 -26.00
N PHE B 64 -1.96 -24.59 -24.72
CA PHE B 64 -1.76 -23.18 -24.38
C PHE B 64 -0.70 -22.83 -23.38
N PHE B 65 -0.10 -23.80 -22.73
CA PHE B 65 0.88 -23.47 -21.70
C PHE B 65 2.19 -24.25 -21.90
N GLN B 66 2.86 -24.01 -23.02
CA GLN B 66 4.12 -24.70 -23.31
C GLN B 66 5.28 -23.74 -23.12
N GLU B 67 6.41 -24.24 -22.65
CA GLU B 67 7.56 -23.37 -22.47
C GLU B 67 7.85 -22.77 -23.83
N GLY B 68 8.17 -21.48 -23.87
CA GLY B 68 8.45 -20.83 -25.14
C GLY B 68 7.27 -20.02 -25.65
N PHE B 69 6.07 -20.34 -25.18
CA PHE B 69 4.86 -19.62 -25.60
C PHE B 69 4.82 -18.20 -25.02
N TRP B 70 4.30 -17.25 -25.79
CA TRP B 70 4.20 -15.86 -25.32
C TRP B 70 2.76 -15.61 -24.89
N MET B 71 2.59 -14.71 -23.93
CA MET B 71 1.25 -14.41 -23.46
C MET B 71 1.16 -12.98 -22.99
N ASN B 72 -0.03 -12.37 -23.13
CA ASN B 72 -0.21 -11.01 -22.67
C ASN B 72 -0.86 -11.14 -21.30
N ILE B 73 -0.37 -10.36 -20.35
CA ILE B 73 -0.83 -10.46 -18.98
C ILE B 73 -1.40 -9.16 -18.42
N ARG B 74 -2.44 -9.28 -17.59
CA ARG B 74 -3.01 -8.11 -16.95
C ARG B 74 -2.98 -8.31 -15.44
N ALA B 75 -2.45 -7.33 -14.73
CA ALA B 75 -2.37 -7.36 -13.28
C ALA B 75 -3.12 -6.14 -12.74
N ILE B 76 -3.45 -6.17 -11.46
CA ILE B 76 -4.20 -5.08 -10.82
C ILE B 76 -3.39 -4.44 -9.72
N SER B 77 -3.65 -3.16 -9.45
CA SER B 77 -2.99 -2.44 -8.36
C SER B 77 -4.14 -1.82 -7.61
N PRO B 78 -4.15 -1.95 -6.28
CA PRO B 78 -5.23 -1.37 -5.47
C PRO B 78 -5.01 0.09 -5.04
N ARG B 79 -3.80 0.63 -5.28
CA ARG B 79 -3.49 1.99 -4.85
C ARG B 79 -4.42 3.09 -5.36
N GLY B 80 -4.82 4.00 -4.46
CA GLY B 80 -5.70 5.09 -4.84
C GLY B 80 -6.99 4.61 -5.48
N GLU B 81 -7.30 5.12 -6.67
CA GLU B 81 -8.52 4.68 -7.34
C GLU B 81 -8.32 3.30 -8.00
N GLY B 82 -7.09 2.83 -8.04
CA GLY B 82 -6.84 1.54 -8.65
C GLY B 82 -6.19 1.73 -10.00
N ALA B 83 -5.45 0.73 -10.44
CA ALA B 83 -4.75 0.81 -11.71
C ALA B 83 -4.59 -0.55 -12.36
N LEU B 84 -4.33 -0.55 -13.66
CA LEU B 84 -4.13 -1.80 -14.40
C LEU B 84 -2.73 -1.81 -14.96
N ILE B 85 -2.09 -2.97 -14.90
CA ILE B 85 -0.76 -3.12 -15.46
C ILE B 85 -0.82 -4.22 -16.52
N HIS B 86 -0.45 -3.87 -17.75
CA HIS B 86 -0.46 -4.79 -18.87
C HIS B 86 0.96 -5.01 -19.38
N PHE B 87 1.34 -6.26 -19.61
CA PHE B 87 2.66 -6.53 -20.13
C PHE B 87 2.68 -7.85 -20.88
N ARG B 88 3.73 -8.06 -21.67
CA ARG B 88 3.85 -9.29 -22.47
C ARG B 88 5.04 -10.08 -21.95
N SER B 89 4.84 -11.37 -21.70
CA SER B 89 5.87 -12.21 -21.14
C SER B 89 5.90 -13.57 -21.83
N GLN B 90 7.06 -14.21 -21.78
CA GLN B 90 7.26 -15.54 -22.37
C GLN B 90 7.34 -16.61 -21.28
N LEU B 91 6.63 -17.72 -21.47
CA LEU B 91 6.67 -18.79 -20.48
C LEU B 91 8.04 -19.46 -20.60
N MET B 92 8.84 -19.40 -19.53
CA MET B 92 10.21 -19.93 -19.57
C MET B 92 10.36 -21.32 -18.95
N HIS B 93 9.74 -21.56 -17.80
CA HIS B 93 9.86 -22.87 -17.16
C HIS B 93 8.63 -23.25 -16.39
N ILE B 94 8.33 -24.53 -16.36
CA ILE B 94 7.20 -24.99 -15.56
C ILE B 94 7.86 -25.94 -14.58
N LEU B 95 7.63 -25.72 -13.29
CA LEU B 95 8.19 -26.60 -12.28
C LEU B 95 7.05 -27.28 -11.59
N GLN B 96 7.26 -28.53 -11.23
CA GLN B 96 6.27 -29.30 -10.51
C GLN B 96 6.69 -29.35 -9.03
N GLU B 97 8.00 -29.34 -8.79
CA GLU B 97 8.52 -29.44 -7.42
C GLU B 97 9.29 -28.21 -6.97
N PRO B 98 9.20 -27.86 -5.67
CA PRO B 98 8.44 -28.52 -4.60
C PRO B 98 6.96 -28.16 -4.62
N VAL B 99 6.56 -27.28 -5.54
CA VAL B 99 5.15 -26.88 -5.69
C VAL B 99 5.03 -26.48 -7.13
N PRO B 100 3.83 -26.60 -7.72
CA PRO B 100 3.65 -26.23 -9.11
C PRO B 100 3.78 -24.72 -9.35
N MET B 101 4.77 -24.34 -10.15
CA MET B 101 4.99 -22.94 -10.45
C MET B 101 5.39 -22.77 -11.91
N ALA B 102 5.01 -21.63 -12.48
CA ALA B 102 5.39 -21.30 -13.85
C ALA B 102 6.30 -20.09 -13.71
N PHE B 103 7.40 -20.09 -14.47
CA PHE B 103 8.37 -18.99 -14.43
C PHE B 103 8.28 -18.20 -15.75
N LEU B 104 7.83 -16.94 -15.68
CA LEU B 104 7.68 -16.12 -16.89
C LEU B 104 8.79 -15.09 -17.02
N SER B 105 9.08 -14.64 -18.23
CA SER B 105 10.12 -13.63 -18.40
C SER B 105 9.55 -12.31 -17.90
N ILE B 106 10.44 -11.37 -17.55
CA ILE B 106 10.02 -10.05 -17.12
C ILE B 106 10.50 -9.09 -18.19
N PRO B 107 9.56 -8.50 -18.98
CA PRO B 107 9.93 -7.55 -20.04
C PRO B 107 10.51 -6.30 -19.37
N ASN B 108 11.25 -5.49 -20.12
CA ASN B 108 11.85 -4.30 -19.55
C ASN B 108 10.85 -3.24 -19.13
N THR B 109 9.74 -3.16 -19.85
CA THR B 109 8.74 -2.15 -19.52
C THR B 109 7.36 -2.75 -19.53
N MET B 110 6.41 -2.03 -18.95
CA MET B 110 5.02 -2.44 -18.87
C MET B 110 4.13 -1.21 -19.06
N GLN B 111 2.89 -1.43 -19.46
CA GLN B 111 1.92 -0.36 -19.66
C GLN B 111 1.06 -0.23 -18.42
N VAL B 112 1.05 0.96 -17.83
CA VAL B 112 0.22 1.20 -16.66
C VAL B 112 -0.92 2.15 -16.99
N SER B 113 -2.11 1.75 -16.58
CA SER B 113 -3.31 2.55 -16.76
C SER B 113 -3.67 3.03 -15.35
N GLN B 114 -3.51 4.32 -15.10
CA GLN B 114 -3.78 4.89 -13.77
C GLN B 114 -4.44 6.27 -13.89
N ARG B 115 -4.92 6.79 -12.75
CA ARG B 115 -5.57 8.11 -12.75
C ARG B 115 -4.57 9.25 -12.86
N ARG B 116 -3.41 9.16 -12.21
CA ARG B 116 -2.44 10.26 -12.33
C ARG B 116 -2.04 10.33 -13.81
N LYS B 117 -1.95 11.54 -14.36
CA LYS B 117 -1.63 11.67 -15.79
C LYS B 117 -0.14 11.81 -16.06
N GLU B 118 0.63 12.09 -15.02
CA GLU B 118 2.07 12.25 -15.16
C GLU B 118 2.75 11.82 -13.87
N PRO B 119 4.07 11.62 -13.89
CA PRO B 119 4.79 11.21 -12.69
C PRO B 119 5.04 12.32 -11.69
N ARG B 120 5.28 11.94 -10.44
CA ARG B 120 5.58 12.92 -9.40
C ARG B 120 6.95 12.55 -8.86
N PHE B 121 7.83 13.52 -8.76
CA PHE B 121 9.18 13.27 -8.28
C PHE B 121 9.36 13.66 -6.82
N GLU B 122 9.95 12.73 -6.07
CA GLU B 122 10.20 12.90 -4.64
C GLU B 122 11.33 13.86 -4.37
N LEU B 123 11.25 14.51 -3.21
CA LEU B 123 12.29 15.43 -2.80
C LEU B 123 11.95 15.95 -1.41
N ASN B 124 12.83 16.78 -0.87
CA ASN B 124 12.64 17.31 0.46
C ASN B 124 13.22 18.69 0.48
N LEU B 125 12.44 19.68 0.09
CA LEU B 125 12.93 21.03 0.09
C LEU B 125 12.09 21.88 1.01
N ALA B 126 12.79 22.52 1.95
CA ALA B 126 12.17 23.37 2.93
C ALA B 126 11.76 24.65 2.24
N GLY B 127 10.72 25.28 2.78
CA GLY B 127 10.24 26.51 2.22
C GLY B 127 9.18 27.09 3.12
N LYS B 128 8.40 28.02 2.57
CA LYS B 128 7.32 28.67 3.31
C LYS B 128 6.06 28.58 2.47
N VAL B 129 4.90 28.52 3.12
CA VAL B 129 3.68 28.53 2.38
C VAL B 129 3.04 29.87 2.74
N LEU B 130 2.87 30.69 1.71
CA LEU B 130 2.31 32.04 1.82
C LEU B 130 0.83 32.05 1.54
N PHE B 131 0.06 32.61 2.48
CA PHE B 131 -1.39 32.68 2.34
C PHE B 131 -1.86 33.90 3.14
N ASP B 132 -2.62 34.79 2.50
CA ASP B 132 -3.10 36.00 3.19
C ASP B 132 -1.96 36.71 3.95
N GLU B 133 -0.82 36.82 3.29
CA GLU B 133 0.37 37.49 3.83
C GLU B 133 1.15 36.70 4.89
N HIS B 134 0.52 35.65 5.43
CA HIS B 134 1.15 34.81 6.46
C HIS B 134 2.04 33.73 5.86
N ARG B 135 3.14 33.40 6.50
CA ARG B 135 3.99 32.36 5.96
C ARG B 135 4.15 31.22 6.97
N GLY B 136 3.80 30.02 6.56
CA GLY B 136 3.94 28.86 7.42
C GLY B 136 5.11 28.03 6.91
N ASP B 137 5.78 27.27 7.77
CA ASP B 137 6.88 26.43 7.29
C ASP B 137 6.33 25.22 6.55
N CYS B 138 7.09 24.75 5.58
CA CYS B 138 6.67 23.58 4.85
C CYS B 138 7.88 22.88 4.25
N GLU B 139 7.63 21.67 3.76
CA GLU B 139 8.63 20.87 3.09
C GLU B 139 7.93 20.28 1.88
N LEU B 140 8.50 20.54 0.70
CA LEU B 140 7.98 20.02 -0.55
C LEU B 140 8.37 18.56 -0.56
N ARG B 141 7.42 17.65 -0.78
CA ARG B 141 7.71 16.21 -0.78
C ARG B 141 7.64 15.51 -2.14
N ASP B 142 6.88 16.07 -3.06
CA ASP B 142 6.91 15.54 -4.42
C ASP B 142 6.51 16.68 -5.31
N LEU B 143 6.95 16.59 -6.55
CA LEU B 143 6.70 17.65 -7.51
C LEU B 143 6.48 17.08 -8.90
N SER B 144 5.46 17.58 -9.58
CA SER B 144 5.15 17.15 -10.93
C SER B 144 4.99 18.42 -11.77
N ARG B 145 4.77 18.26 -13.06
CA ARG B 145 4.60 19.42 -13.91
C ARG B 145 3.33 20.19 -13.55
N SER B 146 2.33 19.49 -12.99
CA SER B 146 1.06 20.14 -12.69
C SER B 146 0.74 20.40 -11.22
N GLY B 147 1.45 19.74 -10.31
CA GLY B 147 1.19 19.94 -8.90
C GLY B 147 2.35 19.52 -8.00
N CYS B 148 2.07 19.44 -6.71
CA CYS B 148 3.08 19.04 -5.75
C CYS B 148 2.42 18.61 -4.47
N ARG B 149 3.21 17.97 -3.61
CA ARG B 149 2.77 17.53 -2.30
C ARG B 149 3.72 18.22 -1.32
N PHE B 150 3.17 18.77 -0.25
CA PHE B 150 4.00 19.42 0.78
C PHE B 150 3.40 19.11 2.15
N ILE B 151 4.22 19.20 3.18
CA ILE B 151 3.75 18.95 4.55
C ILE B 151 4.14 20.15 5.38
N THR B 152 3.52 20.30 6.54
CA THR B 152 3.87 21.41 7.43
C THR B 152 4.04 20.82 8.81
N PRO B 153 4.59 21.61 9.75
CA PRO B 153 4.74 21.04 11.10
C PRO B 153 3.30 20.90 11.58
N PRO B 154 3.01 19.87 12.39
CA PRO B 154 1.64 19.65 12.90
C PRO B 154 0.88 20.81 13.55
N LEU B 155 1.59 21.74 14.18
CA LEU B 155 0.92 22.87 14.83
C LEU B 155 0.72 24.04 13.86
N GLY B 156 1.14 23.85 12.62
CA GLY B 156 1.01 24.91 11.62
C GLY B 156 -0.42 25.26 11.24
N LYS B 157 -0.62 26.44 10.65
CA LYS B 157 -1.96 26.84 10.23
C LYS B 157 -2.40 25.77 9.22
N THR B 158 -3.68 25.44 9.22
CA THR B 158 -4.19 24.39 8.32
C THR B 158 -4.87 25.03 7.11
N TYR B 159 -4.63 24.47 5.92
CA TYR B 159 -5.24 25.00 4.71
C TYR B 159 -6.43 24.15 4.32
N GLN B 160 -7.41 24.79 3.70
CA GLN B 160 -8.61 24.07 3.29
C GLN B 160 -8.62 23.86 1.78
N VAL B 161 -9.29 22.80 1.32
CA VAL B 161 -9.42 22.50 -0.10
C VAL B 161 -9.90 23.77 -0.83
N GLY B 162 -9.26 24.11 -1.94
CA GLY B 162 -9.67 25.30 -2.66
C GLY B 162 -8.85 26.52 -2.30
N ASP B 163 -8.17 26.53 -1.16
CA ASP B 163 -7.34 27.68 -0.78
C ASP B 163 -6.24 27.94 -1.82
N LEU B 164 -6.02 29.20 -2.17
CA LEU B 164 -4.97 29.57 -3.12
C LEU B 164 -3.73 29.94 -2.34
N VAL B 165 -2.69 29.14 -2.42
CA VAL B 165 -1.50 29.45 -1.66
C VAL B 165 -0.31 29.57 -2.61
N ALA B 166 0.83 29.95 -2.05
CA ALA B 166 2.05 30.08 -2.83
C ALA B 166 3.22 29.47 -2.05
N LEU B 167 3.87 28.47 -2.63
CA LEU B 167 5.01 27.87 -1.97
C LEU B 167 6.31 28.57 -2.35
N GLU B 168 6.99 29.15 -1.36
CA GLU B 168 8.26 29.83 -1.60
C GLU B 168 9.33 28.85 -1.08
N ILE B 169 9.91 28.09 -1.99
CA ILE B 169 10.93 27.11 -1.66
C ILE B 169 12.33 27.74 -1.65
N PHE B 170 13.09 27.52 -0.58
CA PHE B 170 14.43 28.06 -0.46
C PHE B 170 15.33 27.53 -1.57
N SER B 171 16.02 28.45 -2.25
CA SER B 171 16.92 28.07 -3.33
C SER B 171 18.32 27.72 -2.85
N ASP B 172 18.69 28.19 -1.66
CA ASP B 172 19.99 27.90 -1.08
C ASP B 172 19.83 27.24 0.29
N LEU B 173 20.87 26.53 0.73
CA LEU B 173 20.84 25.83 2.02
C LEU B 173 20.76 26.71 3.26
N ARG B 174 20.75 28.03 3.09
CA ARG B 174 20.69 28.90 4.26
C ARG B 174 19.43 29.75 4.30
N GLY B 175 18.34 29.21 3.77
CA GLY B 175 17.10 29.97 3.75
C GLY B 175 17.33 31.13 2.81
N THR B 176 17.32 32.34 3.36
CA THR B 176 17.57 33.55 2.56
C THR B 176 16.68 33.67 1.33
N LYS B 177 17.19 33.24 0.18
CA LYS B 177 16.42 33.33 -1.06
C LYS B 177 15.61 32.10 -1.44
N THR B 178 14.62 32.33 -2.30
CA THR B 178 13.71 31.28 -2.75
C THR B 178 13.44 31.28 -4.24
N PHE B 179 12.99 30.13 -4.73
CA PHE B 179 12.62 29.97 -6.14
C PHE B 179 11.29 30.70 -6.41
N PRO B 180 11.07 31.14 -7.67
CA PRO B 180 9.80 31.83 -7.97
C PRO B 180 8.69 30.91 -7.42
N PRO B 181 7.68 31.51 -6.79
CA PRO B 181 6.56 30.79 -6.18
C PRO B 181 5.76 29.75 -6.93
N LEU B 182 5.47 28.66 -6.25
CA LEU B 182 4.65 27.61 -6.83
C LEU B 182 3.25 27.95 -6.32
N THR B 183 2.49 28.61 -7.19
CA THR B 183 1.15 29.06 -6.86
C THR B 183 0.09 28.09 -7.35
N GLY B 184 -0.92 27.87 -6.52
CA GLY B 184 -1.99 26.96 -6.89
C GLY B 184 -3.06 26.79 -5.81
N LYS B 185 -3.95 25.84 -6.07
CA LYS B 185 -5.08 25.53 -5.20
C LYS B 185 -4.87 24.25 -4.42
N ILE B 186 -5.24 24.27 -3.14
CA ILE B 186 -5.13 23.05 -2.36
C ILE B 186 -6.16 22.11 -2.97
N CYS B 187 -5.71 20.95 -3.39
CA CYS B 187 -6.59 19.96 -3.98
C CYS B 187 -7.04 18.88 -2.97
N ASN B 188 -6.16 18.56 -2.03
CA ASN B 188 -6.50 17.56 -1.05
C ASN B 188 -5.62 17.70 0.18
N LEU B 189 -6.06 17.14 1.31
CA LEU B 189 -5.27 17.22 2.53
C LEU B 189 -5.56 16.03 3.42
N GLN B 190 -4.59 15.71 4.27
CA GLN B 190 -4.73 14.61 5.23
C GLN B 190 -4.20 15.28 6.46
N ARG B 191 -4.98 15.23 7.55
CA ARG B 191 -4.62 15.95 8.75
C ARG B 191 -4.96 15.22 10.05
N SER B 192 -4.14 15.43 11.07
CA SER B 192 -4.36 14.88 12.40
C SER B 192 -3.62 15.83 13.33
N LEU B 193 -3.54 15.47 14.60
CA LEU B 193 -2.82 16.33 15.53
C LEU B 193 -1.33 16.23 15.25
N HIS B 194 -0.91 15.16 14.58
CA HIS B 194 0.52 14.96 14.34
C HIS B 194 1.04 15.02 12.91
N HIS B 195 0.16 15.17 11.94
CA HIS B 195 0.60 15.24 10.55
C HIS B 195 -0.29 16.22 9.81
N ALA B 196 0.26 16.83 8.77
CA ALA B 196 -0.50 17.76 7.98
C ALA B 196 0.13 17.67 6.59
N ARG B 197 -0.56 17.01 5.68
CA ARG B 197 -0.03 16.87 4.32
C ARG B 197 -1.01 17.45 3.32
N TYR B 198 -0.49 17.99 2.23
CA TYR B 198 -1.34 18.62 1.22
C TYR B 198 -0.94 18.29 -0.21
N GLY B 199 -1.95 18.17 -1.07
CA GLY B 199 -1.76 17.93 -2.50
C GLY B 199 -2.21 19.25 -3.13
N LEU B 200 -1.38 19.83 -3.99
CA LEU B 200 -1.64 21.13 -4.60
C LEU B 200 -1.62 21.08 -6.15
N GLU B 201 -2.56 21.79 -6.79
CA GLU B 201 -2.61 21.85 -8.26
C GLU B 201 -2.23 23.27 -8.68
N PHE B 202 -1.18 23.39 -9.49
CA PHE B 202 -0.72 24.71 -9.92
C PHE B 202 -1.63 25.49 -10.85
N ASN B 203 -1.57 26.80 -10.78
CA ASN B 203 -2.32 27.58 -11.75
C ASN B 203 -1.32 27.75 -12.90
N GLU B 204 -1.74 28.46 -13.94
CA GLU B 204 -0.87 28.63 -15.11
C GLU B 204 0.55 29.07 -14.83
N GLU B 205 0.73 30.20 -14.14
CA GLU B 205 2.09 30.61 -13.89
C GLU B 205 2.80 29.67 -12.93
N GLY B 206 2.05 29.09 -12.00
CA GLY B 206 2.63 28.16 -11.05
C GLY B 206 3.27 26.99 -11.80
N ARG B 207 2.60 26.53 -12.85
CA ARG B 207 3.13 25.42 -13.65
C ARG B 207 4.47 25.85 -14.24
N ASN B 208 4.57 27.13 -14.60
CA ASN B 208 5.81 27.62 -15.16
C ASN B 208 6.96 27.65 -14.13
N ASN B 209 6.68 28.06 -12.89
CA ASN B 209 7.74 28.11 -11.89
C ASN B 209 8.15 26.72 -11.38
N ALA B 210 7.28 25.75 -11.61
CA ALA B 210 7.53 24.38 -11.22
C ALA B 210 8.55 23.84 -12.22
N LYS B 211 8.32 24.07 -13.51
CA LYS B 211 9.27 23.64 -14.55
C LYS B 211 10.63 24.30 -14.28
N ASN B 212 10.60 25.61 -14.04
CA ASN B 212 11.82 26.39 -13.79
C ASN B 212 12.54 25.96 -12.51
N LEU B 213 11.78 25.53 -11.50
CA LEU B 213 12.38 25.10 -10.25
C LEU B 213 13.07 23.76 -10.51
N LEU B 214 12.30 22.84 -11.07
CA LEU B 214 12.80 21.52 -11.39
C LEU B 214 14.15 21.60 -12.10
N ALA B 215 14.17 22.32 -13.21
CA ALA B 215 15.38 22.47 -14.01
C ALA B 215 16.59 22.98 -13.21
N GLN B 216 16.34 23.72 -12.13
CA GLN B 216 17.43 24.22 -11.32
C GLN B 216 17.85 23.19 -10.27
N LEU B 217 17.26 21.99 -10.32
CA LEU B 217 17.59 20.95 -9.35
C LEU B 217 18.56 19.89 -9.87
N LYS B 218 19.32 19.32 -8.94
CA LYS B 218 20.30 18.28 -9.21
C LYS B 218 19.69 16.92 -8.87
N PHE B 219 19.75 15.97 -9.81
CA PHE B 219 19.19 14.64 -9.58
C PHE B 219 20.21 13.81 -8.82
N ASN B 220 19.74 12.89 -7.99
CA ASN B 220 20.64 12.05 -7.23
C ASN B 220 20.19 10.59 -7.19
N GLY B 221 19.84 10.09 -8.38
CA GLY B 221 19.40 8.70 -8.52
C GLY B 221 18.02 8.36 -8.00
N THR B 222 17.73 8.75 -6.78
CA THR B 222 16.44 8.45 -6.17
C THR B 222 15.52 9.66 -6.05
N LYS B 223 16.10 10.77 -5.63
CA LYS B 223 15.32 11.99 -5.47
C LYS B 223 16.12 13.17 -6.03
N LEU B 224 15.48 14.33 -6.06
CA LEU B 224 16.13 15.53 -6.54
C LEU B 224 16.69 16.26 -5.34
N THR B 225 17.66 17.14 -5.57
CA THR B 225 18.28 17.90 -4.50
C THR B 225 18.72 19.30 -4.94
N LEU B 226 18.87 20.20 -3.98
CA LEU B 226 19.30 21.57 -4.29
C LEU B 226 20.70 21.61 -4.88
N ASN B 227 21.13 22.86 -5.11
CA ASN B 227 22.44 23.23 -5.64
C ASN B 227 22.83 22.83 -7.05
P 5GP C . -6.68 3.01 6.19
O1P 5GP C . -7.86 3.06 5.29
O2P 5GP C . -7.00 2.30 7.46
O5' 5GP C . -6.21 4.47 6.63
C5' 5GP C . -6.11 5.48 5.61
C4' 5GP C . -5.46 6.75 6.17
O4' 5GP C . -6.24 7.28 7.27
C3' 5GP C . -4.10 6.40 6.78
O3' 5GP C . -3.13 6.37 5.73
C2' 5GP C . -3.92 7.68 7.61
O2' 5GP C . -3.64 8.79 6.75
C1' 5GP C . -5.31 7.83 8.22
N9 5GP C . -5.45 7.04 9.46
C8 5GP C . -6.05 5.87 9.60
N7 5GP C . -6.04 5.52 10.89
C5 5GP C . -5.41 6.48 11.57
C6 5GP C . -5.16 6.70 12.92
O6 5GP C . -5.46 5.85 13.76
N1 5GP C . -4.55 7.89 13.31
C2 5GP C . -4.18 8.82 12.33
N2 5GP C . -3.56 9.95 12.67
N3 5GP C . -4.43 8.58 11.04
C4 5GP C . -5.04 7.45 10.65
P 5GP D . -1.73 5.62 5.96
O1P 5GP D . -1.05 6.05 7.21
O2P 5GP D . -0.84 5.76 4.79
O5' 5GP D . -2.13 4.08 6.03
C5' 5GP D . -2.58 3.41 4.85
C4' 5GP D . -3.06 2.01 5.21
O4' 5GP D . -2.05 1.28 5.92
C3' 5GP D . -4.20 2.12 6.22
O3' 5GP D . -5.41 2.37 5.49
C2' 5GP D . -4.20 0.69 6.75
O2' 5GP D . -4.80 -0.19 5.80
C1' 5GP D . -2.71 0.40 6.85
N9 5GP D . -2.20 0.70 8.21
C8 5GP D . -1.67 1.84 8.63
N7 5GP D . -1.28 1.70 9.90
C5 5GP D . -1.56 0.45 10.28
C6 5GP D . -1.40 -0.24 11.47
O6 5GP D . -0.84 0.27 12.44
N1 5GP D . -1.83 -1.57 11.55
C2 5GP D . -2.43 -2.15 10.42
N2 5GP D . -2.87 -3.40 10.48
N3 5GP D . -2.57 -1.45 9.28
C4 5GP D . -2.16 -0.18 9.20
P 5GP E . -4.25 8.38 17.00
O1P 5GP E . -4.13 8.95 15.64
O2P 5GP E . -4.26 9.42 18.05
O5' 5GP E . -5.64 7.59 17.15
C5' 5GP E . -6.05 7.07 18.42
C4' 5GP E . -7.21 6.07 18.25
O4' 5GP E . -8.33 6.62 17.54
C3' 5GP E . -6.82 4.86 17.42
O3' 5GP E . -6.02 3.99 18.22
C2' 5GP E . -8.21 4.27 17.23
O2' 5GP E . -8.67 3.67 18.45
C1' 5GP E . -9.04 5.53 16.94
N9 5GP E . -9.12 5.74 15.49
C8 5GP E . -8.60 6.75 14.80
N7 5GP E . -8.91 6.61 13.51
C5 5GP E . -9.63 5.50 13.37
C6 5GP E . -10.20 4.85 12.29
O6 5GP E . -10.10 5.33 11.15
N1 5GP E . -10.89 3.66 12.50
C2 5GP E . -10.99 3.14 13.80
N2 5GP E . -11.64 2.00 14.02
N3 5GP E . -10.43 3.80 14.83
C4 5GP E . -9.76 4.94 14.64
P 5GP F . -5.12 2.85 17.56
O1P 5GP F . -5.84 2.15 16.47
O2P 5GP F . -4.60 1.91 18.58
O5' 5GP F . -3.85 3.63 16.97
C5' 5GP F . -2.92 4.28 17.83
C4' 5GP F . -2.02 5.19 17.00
O4' 5GP F . -1.43 4.45 15.90
C3' 5GP F . -2.86 6.25 16.32
O3' 5GP F . -3.11 7.29 17.27
C2' 5GP F . -1.85 6.73 15.27
O2' 5GP F . -0.83 7.52 15.88
C1' 5GP F . -1.25 5.39 14.82
N9 5GP F . -1.99 4.87 13.64
C8 5GP F . -2.98 3.98 13.64
N7 5GP F . -3.40 3.80 12.39
C5 5GP F . -2.68 4.58 11.59
C6 5GP F . -2.65 4.79 10.21
O6 5GP F . -3.44 4.21 9.46
N1 5GP F . -1.71 5.68 9.69
C2 5GP F . -0.82 6.33 10.56
N2 5GP F . 0.12 7.14 10.07
N3 5GP F . -0.88 6.10 11.87
C4 5GP F . -1.78 5.26 12.40
P 5GP G . 0.46 9.44 -1.74
O1P 5GP G . 1.38 9.86 -0.66
O2P 5GP G . 0.87 9.99 -3.06
O5' 5GP G . -1.02 9.99 -1.48
C5' 5GP G . -1.57 9.95 -0.16
C4' 5GP G . -3.03 10.39 -0.19
O4' 5GP G . -3.15 11.73 -0.70
C3' 5GP G . -3.82 9.53 -1.19
O3' 5GP G . -4.20 8.31 -0.53
C2' 5GP G . -5.04 10.43 -1.34
O2' 5GP G . -5.87 10.38 -0.19
C1' 5GP G . -4.38 11.81 -1.43
N9 5GP G . -4.02 12.16 -2.82
C8 5GP G . -2.80 12.11 -3.37
N7 5GP G . -2.85 12.62 -4.59
C5 5GP G . -4.11 13.00 -4.83
C6 5GP G . -4.74 13.61 -5.91
O6 5GP G . -4.09 13.93 -6.92
N1 5GP G . -6.10 13.89 -5.83
C2 5GP G . -6.81 13.55 -4.66
N2 5GP G . -8.11 13.80 -4.58
N3 5GP G . -6.17 12.96 -3.65
C4 5GP G . -4.86 12.69 -3.70
P 5GP H . -4.68 7.06 -1.40
O1P 5GP H . -5.75 7.42 -2.34
O2P 5GP H . -5.08 5.91 -0.53
O5' 5GP H . -3.35 6.57 -2.15
C5' 5GP H . -2.26 6.01 -1.40
C4' 5GP H . -1.02 5.88 -2.29
O4' 5GP H . -1.33 5.15 -3.50
C3' 5GP H . -0.56 7.24 -2.79
O3' 5GP H . 0.25 7.86 -1.78
C2' 5GP H . 0.34 6.79 -3.93
O2' 5GP H . 1.57 6.29 -3.41
C1' 5GP H . -0.47 5.65 -4.54
N9 5GP H . -1.35 6.12 -5.64
C8 5GP H . -2.61 6.53 -5.52
N7 5GP H . -3.09 6.82 -6.73
C5 5GP H . -2.12 6.59 -7.63
C6 5GP H . -2.06 6.70 -9.01
O6 5GP H . -3.02 7.11 -9.67
N1 5GP H . -0.88 6.35 -9.66
C2 5GP H . 0.21 5.92 -8.90
N2 5GP H . 1.35 5.61 -9.51
N3 5GP H . 0.12 5.83 -7.57
C4 5GP H . -1.01 6.16 -6.92
P 5GP I . -7.59 15.72 -8.54
O1P 5GP I . -7.69 15.25 -7.13
O2P 5GP I . -8.59 16.74 -8.90
O5' 5GP I . -6.15 16.39 -8.76
C5' 5GP I . -5.84 17.12 -9.94
C4' 5GP I . -4.34 17.37 -10.02
O4' 5GP I . -3.82 18.00 -8.84
C3' 5GP I . -3.60 16.04 -10.01
O3' 5GP I . -3.72 15.45 -11.32
C2' 5GP I . -2.18 16.58 -9.83
O2' 5GP I . -1.73 17.18 -11.05
C1' 5GP I . -2.42 17.66 -8.77
N9 5GP I . -2.12 17.11 -7.43
C8 5GP I . -2.99 16.87 -6.45
N7 5GP I . -2.33 16.35 -5.41
C5 5GP I . -1.05 16.26 -5.73
C6 5GP I . 0.08 15.81 -5.06
O6 5GP I . 0.02 15.40 -3.91
N1 5GP I . 1.32 15.86 -5.71
C2 5GP I . 1.39 16.35 -7.02
N2 5GP I . 2.55 16.37 -7.67
N3 5GP I . 0.28 16.78 -7.64
C4 5GP I . -0.91 16.75 -7.03
P 5GP J . -3.31 13.92 -11.56
O1P 5GP J . -2.07 13.58 -10.83
O2P 5GP J . -3.22 13.62 -13.01
O5' 5GP J . -4.54 13.08 -11.02
C5' 5GP J . -5.83 13.18 -11.64
C4' 5GP J . -6.88 12.55 -10.70
O4' 5GP J . -6.50 11.22 -10.30
C3' 5GP J . -6.88 13.33 -9.39
O3' 5GP J . -7.65 14.53 -9.59
C2' 5GP J . -7.68 12.33 -8.54
O2' 5GP J . -9.07 12.35 -8.86
C1' 5GP J . -7.05 11.01 -8.98
N9 5GP J . -5.92 10.70 -8.08
C8 5GP J . -4.64 10.99 -8.27
N7 5GP J . -3.94 10.56 -7.24
C5 5GP J . -4.78 9.98 -6.37
C6 5GP J . -4.60 9.36 -5.14
O6 5GP J . -3.50 9.30 -4.62
N1 5GP J . -5.73 8.81 -4.51
C2 5GP J . -6.98 8.92 -5.12
N2 5GP J . -8.06 8.39 -4.55
N3 5GP J . -7.12 9.54 -6.30
C4 5GP J . -6.05 10.06 -6.92
#